data_2IBN
#
_entry.id   2IBN
#
_cell.length_a   119.715
_cell.length_b   55.861
_cell.length_c   111.516
_cell.angle_alpha   90.00
_cell.angle_beta   116.72
_cell.angle_gamma   90.00
#
_symmetry.space_group_name_H-M   'C 1 2 1'
#
loop_
_entity.id
_entity.type
_entity.pdbx_description
1 polymer 'Inositol oxygenase'
2 non-polymer 'FE (III) ION'
3 non-polymer 'SULFATE ION'
4 non-polymer (2S,3R,4R,5S,6S)-2,3,4,5,6-PENTAHYDROXYCYCLOHEXANONE
5 non-polymer CYSTEINE
6 water water
#
_entity_poly.entity_id   1
_entity_poly.type   'polypeptide(L)'
_entity_poly.pdbx_seq_one_letter_code
;S(MSE)DRVFTTYKL(MSE)HTHQTVDFVRSKHAQFGGFSYKK(MSE)TV(MSE)EAVDLLDGLVDESDPDVDFPNSFHA
FQTAEGIRKAHPDKDWFHLVGLLHDLGKVLALFGEPQWAVVGDTFPVGCRPQASVVFCDSTFQDNPDLQDPRYSTELG
(MSE)YQPHCGLDRVL(MSE)SWGHDEY(MSE)YQV(MSE)KFNKFSLPPEAFY(MSE)IRFHSFYPWHTGRDYQQLCSQ
QDLA(MSE)LPWVREFNKFDLYTKCPDLPDVDKLRPYYQGLIDKYCPGILSW
;
_entity_poly.pdbx_strand_id   A,B
#
# COMPACT_ATOMS: atom_id res chain seq x y z
N SER A 1 1.63 5.16 -3.35
CA SER A 1 1.05 3.79 -3.47
C SER A 1 0.62 3.49 -4.90
N ASP A 3 -0.33 2.80 -8.61
CA ASP A 3 -1.20 3.09 -9.72
C ASP A 3 -2.06 1.88 -10.04
N ARG A 4 -1.56 0.68 -9.77
CA ARG A 4 -2.33 -0.53 -10.03
C ARG A 4 -3.47 -0.68 -9.01
N VAL A 5 -3.19 -0.38 -7.74
CA VAL A 5 -4.23 -0.33 -6.69
C VAL A 5 -5.34 0.66 -7.07
N PHE A 6 -4.97 1.88 -7.44
CA PHE A 6 -5.91 2.87 -7.93
C PHE A 6 -6.73 2.38 -9.13
N THR A 7 -6.05 1.86 -10.16
CA THR A 7 -6.73 1.31 -11.34
C THR A 7 -7.70 0.17 -11.00
N THR A 8 -7.31 -0.71 -10.08
CA THR A 8 -8.23 -1.78 -9.61
C THR A 8 -9.51 -1.16 -9.10
N TYR A 9 -9.38 -0.13 -8.25
CA TYR A 9 -10.57 0.51 -7.66
C TYR A 9 -11.37 1.36 -8.64
N LYS A 10 -10.68 2.02 -9.59
CA LYS A 10 -11.36 2.76 -10.66
C LYS A 10 -12.31 1.87 -11.48
N LEU A 11 -11.79 0.72 -11.90
CA LEU A 11 -12.57 -0.28 -12.62
C LEU A 11 -13.69 -0.85 -11.76
N HIS A 13 -15.20 0.59 -9.14
CA HIS A 13 -16.23 1.62 -8.85
C HIS A 13 -17.02 2.06 -10.11
N THR A 14 -16.47 1.76 -11.28
CA THR A 14 -17.16 1.97 -12.56
C THR A 14 -18.18 0.88 -12.85
N HIS A 15 -17.76 -0.38 -12.68
CA HIS A 15 -18.51 -1.52 -13.21
C HIS A 15 -19.38 -2.26 -12.24
N GLN A 16 -19.16 -2.09 -10.93
CA GLN A 16 -19.97 -2.81 -9.92
C GLN A 16 -21.30 -2.09 -9.67
N THR A 17 -22.30 -2.47 -10.45
CA THR A 17 -23.64 -1.94 -10.37
C THR A 17 -24.46 -3.04 -9.74
N VAL A 18 -25.71 -2.69 -9.43
CA VAL A 18 -26.74 -3.60 -9.01
C VAL A 18 -26.89 -4.78 -9.99
N ASP A 19 -27.14 -4.50 -11.27
CA ASP A 19 -27.21 -5.57 -12.29
C ASP A 19 -25.98 -6.46 -12.30
N PHE A 20 -24.80 -5.84 -12.22
CA PHE A 20 -23.54 -6.55 -12.26
C PHE A 20 -23.49 -7.57 -11.13
N VAL A 21 -23.86 -7.14 -9.92
CA VAL A 21 -23.72 -8.00 -8.73
C VAL A 21 -24.70 -9.12 -8.85
N ARG A 22 -25.91 -8.78 -9.28
CA ARG A 22 -26.95 -9.78 -9.46
C ARG A 22 -26.53 -10.81 -10.52
N SER A 23 -25.90 -10.37 -11.62
CA SER A 23 -25.35 -11.26 -12.65
C SER A 23 -24.30 -12.22 -12.07
N LYS A 24 -23.48 -11.72 -11.15
CA LYS A 24 -22.41 -12.52 -10.57
C LYS A 24 -22.95 -13.53 -9.57
N HIS A 25 -24.00 -13.14 -8.87
CA HIS A 25 -24.71 -14.09 -8.00
C HIS A 25 -25.27 -15.25 -8.83
N ALA A 26 -25.79 -14.94 -10.01
CA ALA A 26 -26.34 -16.00 -10.86
C ALA A 26 -25.23 -16.88 -11.41
N GLN A 27 -24.17 -16.23 -11.89
CA GLN A 27 -23.01 -16.90 -12.52
C GLN A 27 -22.32 -17.89 -11.59
N PHE A 28 -22.18 -17.54 -10.32
CA PHE A 28 -21.43 -18.37 -9.38
C PHE A 28 -22.31 -19.14 -8.41
N GLY A 29 -23.62 -18.93 -8.50
CA GLY A 29 -24.58 -19.48 -7.54
C GLY A 29 -24.86 -20.98 -7.66
N GLY A 30 -24.33 -21.58 -8.71
CA GLY A 30 -24.42 -23.03 -8.93
C GLY A 30 -23.25 -23.88 -8.42
N PHE A 31 -22.10 -23.24 -8.12
CA PHE A 31 -20.92 -23.93 -7.57
C PHE A 31 -20.47 -25.11 -8.41
N SER A 32 -20.32 -24.87 -9.72
CA SER A 32 -19.93 -25.89 -10.69
C SER A 32 -18.66 -25.49 -11.44
N TYR A 33 -17.88 -24.56 -10.89
CA TYR A 33 -16.58 -24.24 -11.50
C TYR A 33 -15.56 -25.30 -11.20
N LYS A 34 -15.57 -25.79 -9.96
CA LYS A 34 -14.54 -26.71 -9.50
C LYS A 34 -14.98 -27.63 -8.36
N LYS A 35 -14.45 -28.84 -8.41
CA LYS A 35 -14.53 -29.78 -7.29
C LYS A 35 -13.10 -29.84 -6.71
N THR A 37 -10.64 -29.67 -2.66
CA THR A 37 -10.60 -29.61 -1.21
C THR A 37 -10.15 -28.20 -0.79
N VAL A 38 -10.35 -27.85 0.48
CA VAL A 38 -9.82 -26.59 0.99
C VAL A 38 -8.30 -26.44 0.75
N GLU A 40 -6.42 -27.74 -1.58
CA GLU A 40 -6.21 -27.48 -3.01
C GLU A 40 -6.45 -26.00 -3.34
N ALA A 41 -7.49 -25.44 -2.74
CA ALA A 41 -7.87 -24.04 -2.87
C ALA A 41 -6.75 -23.11 -2.38
N VAL A 42 -6.23 -23.38 -1.16
CA VAL A 42 -5.04 -22.70 -0.62
C VAL A 42 -3.84 -22.73 -1.60
N ASP A 43 -3.50 -23.92 -2.11
CA ASP A 43 -2.40 -24.10 -3.02
C ASP A 43 -2.61 -23.46 -4.40
N LEU A 44 -3.86 -23.38 -4.87
CA LEU A 44 -4.16 -22.72 -6.14
C LEU A 44 -3.78 -21.25 -6.10
N LEU A 45 -3.93 -20.64 -4.92
CA LEU A 45 -3.64 -19.23 -4.72
C LEU A 45 -2.14 -18.95 -4.52
N ASP A 46 -1.31 -20.00 -4.60
CA ASP A 46 0.14 -19.87 -4.86
C ASP A 46 0.39 -19.01 -6.10
N GLY A 47 -0.48 -19.15 -7.11
CA GLY A 47 -0.39 -18.37 -8.33
C GLY A 47 -1.34 -17.19 -8.39
N LEU A 48 -1.37 -16.40 -7.32
CA LEU A 48 -2.15 -15.15 -7.27
C LEU A 48 -1.51 -14.07 -6.40
N VAL A 49 -1.20 -12.94 -7.03
CA VAL A 49 -0.82 -11.71 -6.33
C VAL A 49 -1.99 -10.72 -6.36
N ASP A 50 -2.34 -10.21 -5.18
CA ASP A 50 -3.49 -9.33 -4.99
C ASP A 50 -3.12 -7.91 -5.46
N GLU A 51 -3.77 -7.43 -6.50
CA GLU A 51 -3.44 -6.13 -7.13
C GLU A 51 -4.04 -4.90 -6.41
N SER A 52 -4.78 -5.14 -5.32
CA SER A 52 -5.38 -4.09 -4.49
C SER A 52 -4.55 -3.75 -3.25
N ASP A 53 -3.46 -4.51 -3.05
CA ASP A 53 -2.43 -4.28 -2.00
C ASP A 53 -2.17 -2.80 -1.63
N ASP A 57 5.05 -8.02 -4.12
CA ASP A 57 4.31 -8.71 -3.07
C ASP A 57 4.22 -10.22 -3.35
N PHE A 58 4.00 -10.99 -2.28
CA PHE A 58 4.03 -12.46 -2.34
C PHE A 58 2.65 -13.14 -2.65
N PRO A 59 2.67 -14.45 -3.00
CA PRO A 59 1.41 -15.20 -3.22
C PRO A 59 0.45 -15.16 -2.03
N ASN A 60 -0.83 -14.99 -2.34
CA ASN A 60 -1.88 -14.85 -1.35
C ASN A 60 -2.01 -16.09 -0.44
N SER A 61 -1.52 -17.23 -0.93
CA SER A 61 -1.50 -18.49 -0.16
C SER A 61 -0.72 -18.38 1.15
N PHE A 62 0.43 -17.69 1.11
CA PHE A 62 1.25 -17.45 2.28
C PHE A 62 0.48 -16.65 3.31
N HIS A 63 -0.27 -15.68 2.81
CA HIS A 63 -1.17 -14.87 3.61
C HIS A 63 -2.23 -15.70 4.36
N ALA A 64 -2.75 -16.76 3.74
CA ALA A 64 -3.69 -17.67 4.42
C ALA A 64 -3.05 -18.25 5.70
N PHE A 65 -1.88 -18.86 5.57
CA PHE A 65 -1.14 -19.38 6.72
C PHE A 65 -0.73 -18.33 7.75
N GLN A 66 -0.18 -17.21 7.28
CA GLN A 66 0.20 -16.09 8.16
C GLN A 66 -0.95 -15.62 9.04
N THR A 67 -2.12 -15.38 8.43
CA THR A 67 -3.31 -14.94 9.14
C THR A 67 -3.76 -15.98 10.15
N ALA A 68 -3.82 -17.23 9.72
CA ALA A 68 -4.23 -18.33 10.59
C ALA A 68 -3.29 -18.43 11.78
N GLU A 69 -1.98 -18.28 11.55
CA GLU A 69 -0.98 -18.39 12.61
C GLU A 69 -0.99 -17.22 13.56
N GLY A 70 -1.35 -16.03 13.07
CA GLY A 70 -1.48 -14.86 13.92
C GLY A 70 -2.63 -14.99 14.89
N ILE A 71 -3.79 -15.44 14.38
CA ILE A 71 -4.97 -15.76 15.19
C ILE A 71 -4.66 -16.86 16.19
N ARG A 72 -3.92 -17.87 15.75
CA ARG A 72 -3.58 -18.99 16.62
C ARG A 72 -2.69 -18.59 17.80
N LYS A 73 -1.79 -17.65 17.57
CA LYS A 73 -0.91 -17.17 18.64
C LYS A 73 -1.74 -16.46 19.71
N ALA A 74 -2.73 -15.68 19.28
CA ALA A 74 -3.50 -14.83 20.17
C ALA A 74 -4.72 -15.53 20.76
N HIS A 75 -5.12 -16.63 20.14
CA HIS A 75 -6.34 -17.37 20.52
C HIS A 75 -6.10 -18.88 20.42
N PRO A 76 -5.15 -19.39 21.22
CA PRO A 76 -4.60 -20.74 20.96
C PRO A 76 -5.61 -21.89 21.08
N ASP A 77 -6.57 -21.78 21.99
CA ASP A 77 -7.54 -22.83 22.22
C ASP A 77 -8.78 -22.71 21.31
N LYS A 78 -8.81 -21.72 20.43
CA LYS A 78 -9.97 -21.49 19.55
C LYS A 78 -9.74 -21.97 18.12
N ASP A 79 -9.83 -23.28 17.92
CA ASP A 79 -9.37 -23.88 16.66
C ASP A 79 -10.15 -23.39 15.45
N TRP A 80 -11.47 -23.24 15.56
CA TRP A 80 -12.30 -22.76 14.48
C TRP A 80 -11.84 -21.36 13.98
N PHE A 81 -11.25 -20.55 14.88
CA PHE A 81 -10.80 -19.19 14.60
C PHE A 81 -9.49 -19.23 13.85
N HIS A 82 -8.61 -20.17 14.20
CA HIS A 82 -7.38 -20.39 13.38
C HIS A 82 -7.82 -20.72 11.95
N LEU A 83 -8.82 -21.57 11.77
CA LEU A 83 -9.21 -21.97 10.44
C LEU A 83 -9.81 -20.80 9.66
N VAL A 84 -10.52 -19.91 10.36
CA VAL A 84 -11.08 -18.72 9.72
C VAL A 84 -9.96 -17.91 9.03
N GLY A 85 -8.82 -17.78 9.70
CA GLY A 85 -7.59 -17.21 9.12
C GLY A 85 -7.20 -17.85 7.80
N LEU A 86 -7.17 -19.18 7.78
CA LEU A 86 -6.82 -19.93 6.55
C LEU A 86 -7.84 -19.73 5.42
N LEU A 87 -9.13 -19.67 5.79
CA LEU A 87 -10.27 -19.67 4.86
C LEU A 87 -10.58 -18.32 4.25
N HIS A 88 -10.23 -17.26 4.98
CA HIS A 88 -10.90 -15.97 4.76
C HIS A 88 -10.74 -15.34 3.36
N ASP A 89 -9.58 -15.53 2.73
CA ASP A 89 -9.33 -15.03 1.37
C ASP A 89 -9.35 -16.06 0.24
N LEU A 90 -9.86 -17.26 0.50
CA LEU A 90 -9.87 -18.32 -0.48
C LEU A 90 -10.90 -18.06 -1.62
N GLY A 91 -11.88 -17.19 -1.37
CA GLY A 91 -12.74 -16.69 -2.46
C GLY A 91 -11.95 -16.02 -3.58
N LYS A 92 -10.67 -15.74 -3.35
CA LYS A 92 -9.82 -15.23 -4.39
C LYS A 92 -9.61 -16.24 -5.54
N VAL A 93 -10.05 -17.49 -5.37
CA VAL A 93 -10.02 -18.45 -6.49
C VAL A 93 -10.85 -17.99 -7.69
N LEU A 94 -11.77 -17.06 -7.47
CA LEU A 94 -12.52 -16.44 -8.57
C LEU A 94 -11.55 -15.96 -9.67
N ALA A 95 -10.40 -15.43 -9.27
CA ALA A 95 -9.42 -14.90 -10.21
C ALA A 95 -8.84 -15.98 -11.10
N LEU A 96 -8.64 -17.16 -10.52
CA LEU A 96 -8.18 -18.34 -11.25
C LEU A 96 -9.28 -18.91 -12.14
N PHE A 97 -10.51 -18.47 -11.92
CA PHE A 97 -11.65 -18.91 -12.71
C PHE A 97 -11.88 -17.95 -13.88
N GLY A 98 -10.98 -17.00 -14.08
CA GLY A 98 -11.05 -16.05 -15.20
C GLY A 98 -11.63 -14.67 -14.87
N GLU A 99 -11.93 -14.42 -13.60
CA GLU A 99 -12.51 -13.15 -13.18
C GLU A 99 -11.44 -12.04 -13.04
N PRO A 100 -11.73 -10.81 -13.52
CA PRO A 100 -10.75 -9.72 -13.39
C PRO A 100 -10.69 -9.31 -11.92
N GLN A 101 -9.57 -8.75 -11.49
CA GLN A 101 -9.36 -8.55 -10.05
C GLN A 101 -10.27 -7.54 -9.37
N TRP A 102 -10.77 -6.58 -10.14
CA TRP A 102 -11.75 -5.63 -9.61
C TRP A 102 -13.08 -6.33 -9.31
N ALA A 103 -13.22 -7.56 -9.76
CA ALA A 103 -14.42 -8.34 -9.46
C ALA A 103 -14.14 -9.44 -8.40
N VAL A 104 -12.99 -9.37 -7.75
CA VAL A 104 -12.50 -10.43 -6.87
C VAL A 104 -11.90 -9.87 -5.58
N VAL A 105 -10.97 -8.93 -5.71
CA VAL A 105 -10.28 -8.40 -4.54
C VAL A 105 -10.70 -6.98 -4.17
N GLY A 106 -10.24 -6.48 -3.02
CA GLY A 106 -10.44 -5.10 -2.64
C GLY A 106 -11.47 -4.84 -1.56
N ASP A 107 -11.44 -3.63 -1.02
CA ASP A 107 -12.43 -3.16 -0.07
C ASP A 107 -13.80 -3.24 -0.76
N THR A 108 -14.84 -3.55 0.01
CA THR A 108 -16.17 -3.72 -0.55
C THR A 108 -17.05 -2.53 -0.15
N PHE A 109 -18.20 -2.38 -0.79
CA PHE A 109 -19.13 -1.29 -0.47
C PHE A 109 -20.51 -1.66 -1.00
N PRO A 110 -21.57 -1.21 -0.33
CA PRO A 110 -22.91 -1.57 -0.81
C PRO A 110 -23.21 -1.05 -2.22
N VAL A 111 -23.78 -1.89 -3.05
CA VAL A 111 -24.32 -1.36 -4.33
C VAL A 111 -25.77 -0.99 -4.13
N GLY A 112 -26.30 -0.15 -5.00
CA GLY A 112 -27.69 0.24 -4.91
C GLY A 112 -27.97 1.41 -3.98
N CYS A 113 -26.93 2.07 -3.49
CA CYS A 113 -27.10 3.31 -2.74
C CYS A 113 -25.83 4.08 -2.91
N ARG A 114 -25.91 5.39 -2.67
CA ARG A 114 -24.77 6.29 -2.78
C ARG A 114 -23.53 5.82 -1.99
N PRO A 115 -22.36 5.84 -2.63
CA PRO A 115 -21.13 5.58 -1.90
C PRO A 115 -20.81 6.67 -0.89
N GLN A 116 -20.35 6.25 0.28
CA GLN A 116 -20.10 7.13 1.39
C GLN A 116 -18.59 7.46 1.46
N ALA A 117 -18.24 8.45 2.30
CA ALA A 117 -16.93 9.12 2.25
C ALA A 117 -15.74 8.22 2.42
N SER A 118 -15.86 7.19 3.27
CA SER A 118 -14.74 6.29 3.55
C SER A 118 -14.52 5.20 2.50
N VAL A 119 -15.34 5.18 1.45
CA VAL A 119 -15.10 4.29 0.32
C VAL A 119 -13.83 4.82 -0.35
N VAL A 120 -12.82 3.95 -0.44
CA VAL A 120 -11.51 4.35 -0.94
C VAL A 120 -11.60 5.01 -2.34
N PHE A 121 -10.88 6.12 -2.49
CA PHE A 121 -10.94 6.95 -3.71
C PHE A 121 -12.36 7.32 -4.13
N CYS A 122 -13.23 7.57 -3.15
CA CYS A 122 -14.64 7.88 -3.44
C CYS A 122 -14.80 9.04 -4.44
N ASP A 123 -13.97 10.09 -4.28
CA ASP A 123 -14.00 11.31 -5.07
C ASP A 123 -13.55 11.14 -6.51
N SER A 124 -12.67 10.17 -6.76
CA SER A 124 -11.98 10.08 -8.05
C SER A 124 -12.39 8.89 -8.92
N THR A 125 -13.29 8.04 -8.44
CA THR A 125 -13.48 6.74 -9.08
C THR A 125 -14.92 6.35 -9.45
N PHE A 126 -15.91 7.16 -9.06
CA PHE A 126 -17.30 6.82 -9.35
C PHE A 126 -17.95 7.52 -10.57
N GLN A 127 -17.20 8.37 -11.28
CA GLN A 127 -17.74 9.21 -12.39
C GLN A 127 -18.54 8.46 -13.44
N ASP A 128 -18.06 7.29 -13.81
CA ASP A 128 -18.63 6.54 -14.90
C ASP A 128 -19.51 5.38 -14.44
N ASN A 129 -19.76 5.31 -13.14
CA ASN A 129 -20.75 4.34 -12.63
C ASN A 129 -22.16 4.76 -13.02
N PRO A 130 -22.85 3.96 -13.84
CA PRO A 130 -24.17 4.35 -14.35
C PRO A 130 -25.25 4.43 -13.28
N ASP A 131 -25.06 3.68 -12.19
CA ASP A 131 -26.05 3.60 -11.12
C ASP A 131 -26.20 4.94 -10.41
N LEU A 132 -25.18 5.79 -10.48
CA LEU A 132 -25.20 7.03 -9.74
C LEU A 132 -26.01 8.17 -10.40
N GLN A 133 -26.57 7.91 -11.57
CA GLN A 133 -27.60 8.79 -12.14
C GLN A 133 -28.99 8.15 -12.13
N ASP A 134 -29.09 6.97 -11.53
CA ASP A 134 -30.36 6.29 -11.36
C ASP A 134 -30.95 6.70 -10.00
N PRO A 135 -32.14 7.36 -10.00
CA PRO A 135 -32.73 7.86 -8.74
C PRO A 135 -33.09 6.75 -7.74
N ARG A 136 -33.18 5.52 -8.22
CA ARG A 136 -33.36 4.39 -7.31
C ARG A 136 -32.13 4.16 -6.42
N TYR A 137 -30.94 4.54 -6.91
CA TYR A 137 -29.69 4.12 -6.30
C TYR A 137 -28.76 5.26 -5.91
N SER A 138 -29.10 6.48 -6.33
CA SER A 138 -28.21 7.64 -6.21
C SER A 138 -28.30 8.31 -4.84
N THR A 139 -29.36 7.94 -4.11
CA THR A 139 -29.66 8.48 -2.80
C THR A 139 -28.96 7.73 -1.64
N GLU A 140 -28.91 8.38 -0.48
CA GLU A 140 -28.33 7.84 0.76
C GLU A 140 -28.75 6.37 1.04
N LEU A 141 -30.05 6.11 1.01
CA LEU A 141 -30.56 4.77 1.26
C LEU A 141 -30.72 3.93 -0.01
N GLY A 142 -30.92 4.61 -1.14
CA GLY A 142 -31.06 3.95 -2.41
C GLY A 142 -32.24 3.02 -2.32
N TYR A 144 -32.66 0.61 -0.29
CA TYR A 144 -32.80 0.02 1.05
C TYR A 144 -33.81 0.70 1.96
N GLN A 145 -34.38 -0.08 2.87
CA GLN A 145 -35.12 0.49 3.99
C GLN A 145 -34.15 0.73 5.15
N PRO A 146 -34.44 1.71 6.02
CA PRO A 146 -33.55 2.04 7.13
C PRO A 146 -33.29 0.87 8.07
N HIS A 147 -32.01 0.65 8.41
CA HIS A 147 -31.60 -0.34 9.43
C HIS A 147 -32.07 -1.79 9.20
N CYS A 148 -32.10 -2.24 7.95
N CYS A 148 -32.04 -2.15 7.92
CA CYS A 148 -32.51 -3.63 7.71
CA CYS A 148 -32.34 -3.47 7.37
C CYS A 148 -31.38 -4.64 7.88
C CYS A 148 -31.41 -4.56 7.93
N GLY A 149 -30.17 -4.16 8.17
CA GLY A 149 -29.06 -5.06 8.54
C GLY A 149 -28.20 -5.38 7.33
N LEU A 150 -26.91 -5.60 7.59
CA LEU A 150 -25.92 -5.87 6.51
C LEU A 150 -26.17 -7.16 5.72
N ASP A 151 -26.81 -8.13 6.36
CA ASP A 151 -27.15 -9.35 5.67
C ASP A 151 -28.28 -9.18 4.61
N ARG A 152 -28.99 -8.05 4.66
CA ARG A 152 -29.97 -7.68 3.64
C ARG A 152 -29.48 -6.61 2.65
N VAL A 153 -28.20 -6.29 2.71
CA VAL A 153 -27.58 -5.33 1.80
C VAL A 153 -26.97 -6.15 0.66
N LEU A 154 -27.06 -5.62 -0.56
CA LEU A 154 -26.35 -6.20 -1.71
C LEU A 154 -24.97 -5.56 -1.83
N SER A 156 -20.98 -5.08 -3.17
CA SER A 156 -20.05 -5.29 -4.30
C SER A 156 -19.49 -6.72 -4.25
N TRP A 157 -19.37 -7.31 -5.43
CA TRP A 157 -19.06 -8.72 -5.57
C TRP A 157 -17.55 -8.98 -5.50
N GLY A 158 -17.17 -10.05 -4.78
CA GLY A 158 -15.78 -10.46 -4.76
C GLY A 158 -15.64 -11.59 -3.77
N HIS A 159 -14.46 -11.77 -3.28
CA HIS A 159 -14.06 -12.87 -2.47
C HIS A 159 -14.86 -13.04 -1.12
N ASP A 160 -15.31 -11.97 -0.51
CA ASP A 160 -16.21 -12.06 0.75
C ASP A 160 -17.53 -12.80 0.52
N GLU A 161 -18.46 -12.24 -0.29
CA GLU A 161 -19.77 -12.90 -0.45
C GLU A 161 -19.54 -14.28 -1.08
N TYR A 162 -18.64 -14.37 -2.06
CA TYR A 162 -18.37 -15.61 -2.74
C TYR A 162 -17.97 -16.74 -1.79
N TYR A 164 -18.33 -16.72 1.58
CA TYR A 164 -19.53 -16.92 2.40
C TYR A 164 -20.47 -17.88 1.71
N GLN A 165 -20.74 -17.70 0.41
CA GLN A 165 -21.68 -18.57 -0.27
C GLN A 165 -21.13 -19.99 -0.43
N VAL A 166 -19.82 -20.11 -0.67
CA VAL A 166 -19.20 -21.42 -0.80
C VAL A 166 -19.38 -22.18 0.51
N LYS A 168 -21.60 -21.68 2.97
CA LYS A 168 -23.00 -22.04 3.19
C LYS A 168 -23.45 -23.23 2.34
N PHE A 169 -23.10 -23.21 1.06
CA PHE A 169 -23.46 -24.30 0.16
C PHE A 169 -22.88 -25.64 0.59
N ASN A 170 -21.64 -25.60 1.03
CA ASN A 170 -20.92 -26.76 1.43
C ASN A 170 -21.14 -27.14 2.86
N LYS A 171 -21.88 -26.30 3.57
CA LYS A 171 -22.33 -26.56 4.94
C LYS A 171 -21.15 -26.67 5.90
N PHE A 172 -20.20 -25.73 5.82
CA PHE A 172 -19.10 -25.68 6.80
C PHE A 172 -19.69 -25.65 8.19
N SER A 173 -19.08 -26.40 9.09
CA SER A 173 -19.59 -26.45 10.45
C SER A 173 -18.82 -25.50 11.40
N LEU A 174 -18.82 -24.22 11.01
CA LEU A 174 -18.25 -23.16 11.80
C LEU A 174 -19.37 -22.38 12.48
N PRO A 175 -19.07 -21.67 13.59
CA PRO A 175 -20.05 -20.83 14.27
C PRO A 175 -20.48 -19.65 13.41
N PRO A 176 -21.66 -19.07 13.69
CA PRO A 176 -22.16 -17.97 12.87
C PRO A 176 -21.16 -16.81 12.75
N GLU A 177 -20.41 -16.51 13.81
CA GLU A 177 -19.42 -15.41 13.79
C GLU A 177 -18.35 -15.62 12.75
N ALA A 178 -17.98 -16.87 12.51
CA ALA A 178 -16.97 -17.23 11.50
C ALA A 178 -17.45 -16.90 10.10
N PHE A 179 -18.68 -17.28 9.78
CA PHE A 179 -19.31 -16.90 8.51
C PHE A 179 -19.34 -15.37 8.27
N TYR A 180 -19.63 -14.61 9.31
CA TYR A 180 -19.88 -13.18 9.27
C TYR A 180 -18.57 -12.43 9.09
N ILE A 182 -15.97 -13.60 7.73
CA ILE A 182 -15.49 -13.76 6.35
C ILE A 182 -16.31 -12.93 5.37
N ARG A 183 -17.62 -12.95 5.53
CA ARG A 183 -18.49 -12.22 4.62
C ARG A 183 -18.29 -10.72 4.61
N PHE A 184 -17.88 -10.13 5.73
CA PHE A 184 -17.78 -8.67 5.82
C PHE A 184 -16.37 -8.15 6.09
N HIS A 185 -15.38 -9.02 6.03
CA HIS A 185 -14.04 -8.59 6.41
C HIS A 185 -13.43 -7.46 5.53
N SER A 186 -13.89 -7.33 4.28
CA SER A 186 -13.36 -6.29 3.36
C SER A 186 -14.17 -4.99 3.40
N PHE A 187 -15.21 -5.00 4.23
CA PHE A 187 -16.15 -3.88 4.32
C PHE A 187 -15.62 -2.77 5.21
N TYR A 188 -14.46 -2.28 4.79
N TYR A 188 -14.46 -2.25 4.83
CA TYR A 188 -13.69 -1.22 5.46
CA TYR A 188 -13.75 -1.21 5.60
C TYR A 188 -14.56 0.00 5.82
C TYR A 188 -14.59 0.05 5.87
N PRO A 189 -15.36 0.53 4.86
CA PRO A 189 -16.25 1.68 5.18
C PRO A 189 -17.11 1.52 6.42
N TRP A 190 -17.58 0.30 6.67
CA TRP A 190 -18.37 0.00 7.85
C TRP A 190 -17.51 -0.30 9.09
N HIS A 191 -16.70 -1.35 9.05
CA HIS A 191 -15.92 -1.72 10.24
C HIS A 191 -14.79 -0.74 10.67
N THR A 192 -14.27 0.07 9.75
CA THR A 192 -13.22 1.04 10.10
C THR A 192 -13.67 2.50 9.90
N GLY A 193 -14.30 2.78 8.77
CA GLY A 193 -14.79 4.12 8.44
C GLY A 193 -15.98 4.55 9.28
N ARG A 194 -16.70 3.56 9.81
CA ARG A 194 -17.90 3.76 10.62
C ARG A 194 -19.02 4.44 9.84
N ASP A 195 -18.92 4.31 8.52
CA ASP A 195 -19.97 4.74 7.62
C ASP A 195 -21.09 3.70 7.54
N TYR A 196 -22.10 4.01 6.73
CA TYR A 196 -23.24 3.13 6.44
C TYR A 196 -24.10 2.77 7.65
N GLN A 197 -24.16 3.71 8.61
CA GLN A 197 -25.01 3.54 9.80
C GLN A 197 -26.52 3.46 9.47
N GLN A 198 -26.93 3.97 8.31
CA GLN A 198 -28.31 3.88 7.86
C GLN A 198 -28.77 2.45 7.54
N LEU A 199 -27.81 1.55 7.31
CA LEU A 199 -28.10 0.19 6.85
C LEU A 199 -27.93 -0.88 7.90
N CYS A 200 -27.02 -0.68 8.84
CA CYS A 200 -26.74 -1.72 9.81
C CYS A 200 -27.82 -1.82 10.89
N SER A 201 -27.87 -2.96 11.54
CA SER A 201 -28.82 -3.23 12.61
C SER A 201 -28.07 -3.58 13.89
N GLN A 202 -28.86 -3.87 14.94
CA GLN A 202 -28.35 -4.38 16.22
C GLN A 202 -27.47 -5.63 16.02
N GLN A 203 -27.85 -6.47 15.06
CA GLN A 203 -27.15 -7.71 14.76
C GLN A 203 -25.74 -7.47 14.25
N ASP A 204 -25.61 -6.42 13.43
CA ASP A 204 -24.30 -5.96 12.97
C ASP A 204 -23.50 -5.36 14.11
N LEU A 205 -24.17 -4.62 15.02
CA LEU A 205 -23.47 -4.10 16.19
C LEU A 205 -22.86 -5.24 17.02
N ALA A 206 -23.61 -6.32 17.19
CA ALA A 206 -23.13 -7.51 17.92
C ALA A 206 -21.88 -8.13 17.27
N LEU A 208 -19.62 -6.54 15.17
CA LEU A 208 -18.53 -5.59 14.98
C LEU A 208 -17.22 -5.89 15.76
N PRO A 209 -17.31 -6.25 17.06
CA PRO A 209 -16.10 -6.64 17.80
C PRO A 209 -15.41 -7.88 17.22
N TRP A 210 -16.20 -8.83 16.70
CA TRP A 210 -15.64 -10.01 16.05
C TRP A 210 -14.85 -9.62 14.79
N VAL A 211 -15.43 -8.74 13.98
CA VAL A 211 -14.78 -8.32 12.74
C VAL A 211 -13.54 -7.51 12.99
N ARG A 212 -13.58 -6.61 13.98
N ARG A 212 -13.57 -6.62 13.98
CA ARG A 212 -12.40 -5.81 14.30
CA ARG A 212 -12.38 -5.80 14.25
C ARG A 212 -11.27 -6.70 14.81
C ARG A 212 -11.25 -6.65 14.88
N GLU A 213 -11.61 -7.67 15.65
CA GLU A 213 -10.63 -8.64 16.19
C GLU A 213 -9.96 -9.41 15.05
N PHE A 214 -10.78 -9.94 14.13
CA PHE A 214 -10.25 -10.61 12.95
C PHE A 214 -9.34 -9.69 12.15
N ASN A 215 -9.81 -8.47 11.88
CA ASN A 215 -9.10 -7.52 11.03
C ASN A 215 -7.66 -7.26 11.52
N LYS A 216 -7.47 -7.29 12.84
CA LYS A 216 -6.14 -7.22 13.44
C LYS A 216 -5.13 -8.20 12.85
N PHE A 217 -5.57 -9.41 12.52
CA PHE A 217 -4.67 -10.45 12.05
C PHE A 217 -4.59 -10.48 10.54
N ASP A 218 -5.60 -9.93 9.88
CA ASP A 218 -5.58 -9.80 8.43
C ASP A 218 -4.52 -8.79 8.07
N LEU A 219 -4.54 -7.66 8.79
CA LEU A 219 -3.54 -6.56 8.74
C LEU A 219 -2.37 -6.76 9.71
N LEU A 226 8.51 -15.06 4.93
CA LEU A 226 7.43 -15.99 4.64
C LEU A 226 7.43 -17.15 5.63
N PRO A 227 6.23 -17.60 6.07
CA PRO A 227 6.21 -18.70 7.07
C PRO A 227 6.61 -20.05 6.48
N ASP A 228 6.86 -21.02 7.36
CA ASP A 228 7.38 -22.31 6.94
C ASP A 228 6.18 -23.25 6.74
N VAL A 229 5.54 -23.09 5.58
CA VAL A 229 4.16 -23.55 5.41
C VAL A 229 3.95 -25.07 5.36
N ASP A 230 4.99 -25.82 4.97
CA ASP A 230 4.89 -27.29 4.94
C ASP A 230 4.74 -27.92 6.33
N LYS A 231 5.42 -27.36 7.32
CA LYS A 231 5.30 -27.82 8.71
C LYS A 231 3.89 -27.58 9.27
N LEU A 232 3.19 -26.58 8.74
CA LEU A 232 1.87 -26.18 9.22
C LEU A 232 0.76 -27.00 8.60
N ARG A 233 1.02 -27.61 7.44
CA ARG A 233 -0.03 -28.31 6.70
C ARG A 233 -0.82 -29.34 7.47
N PRO A 234 -0.15 -30.28 8.18
CA PRO A 234 -0.92 -31.31 8.87
C PRO A 234 -1.90 -30.74 9.87
N TYR A 235 -1.51 -29.70 10.61
CA TYR A 235 -2.43 -29.12 11.61
C TYR A 235 -3.68 -28.56 10.93
N TYR A 236 -3.47 -27.81 9.86
CA TYR A 236 -4.59 -27.20 9.13
C TYR A 236 -5.39 -28.23 8.37
N GLN A 237 -4.76 -29.26 7.87
CA GLN A 237 -5.55 -30.41 7.44
C GLN A 237 -6.51 -31.06 8.44
N GLY A 238 -6.08 -31.22 9.67
CA GLY A 238 -6.97 -31.71 10.75
C GLY A 238 -8.19 -30.82 10.96
N LEU A 239 -7.96 -29.51 10.92
CA LEU A 239 -9.03 -28.50 11.12
C LEU A 239 -10.01 -28.57 9.96
N ILE A 240 -9.50 -28.67 8.74
CA ILE A 240 -10.34 -28.91 7.55
C ILE A 240 -11.19 -30.19 7.70
N ASP A 241 -10.56 -31.30 8.11
CA ASP A 241 -11.24 -32.57 8.35
C ASP A 241 -12.35 -32.42 9.36
N LYS A 242 -12.11 -31.56 10.35
CA LYS A 242 -13.06 -31.29 11.43
C LYS A 242 -14.24 -30.41 11.00
N TYR A 243 -13.97 -29.35 10.22
CA TYR A 243 -14.99 -28.32 9.98
C TYR A 243 -15.51 -28.26 8.57
N CYS A 244 -14.74 -28.80 7.62
CA CYS A 244 -15.09 -28.68 6.20
C CYS A 244 -14.43 -29.77 5.30
N PRO A 245 -14.72 -31.06 5.59
CA PRO A 245 -13.93 -32.18 5.02
C PRO A 245 -14.21 -32.49 3.55
N GLY A 246 -13.24 -33.07 2.86
CA GLY A 246 -13.50 -33.67 1.56
C GLY A 246 -13.51 -32.73 0.36
N ILE A 247 -13.98 -33.25 -0.77
CA ILE A 247 -14.01 -32.48 -2.00
C ILE A 247 -15.24 -31.58 -1.90
N LEU A 248 -15.03 -30.28 -2.07
CA LEU A 248 -16.08 -29.26 -2.01
C LEU A 248 -16.43 -28.74 -3.40
N SER A 249 -17.60 -28.13 -3.51
CA SER A 249 -18.08 -27.50 -4.74
C SER A 249 -17.80 -25.98 -4.69
N TRP A 250 -17.08 -25.49 -5.70
CA TRP A 250 -16.67 -24.07 -5.83
C TRP A 250 -17.34 -23.46 -7.06
N SER B 1 -5.88 1.33 -1.12
CA SER B 1 -4.79 2.11 -0.45
C SER B 1 -5.26 3.50 -0.06
N ASP B 3 -6.48 7.17 1.24
CA ASP B 3 -6.89 8.42 0.64
C ASP B 3 -5.93 9.53 1.04
N ARG B 4 -5.32 9.42 2.21
CA ARG B 4 -4.31 10.36 2.67
C ARG B 4 -3.09 10.32 1.76
N VAL B 5 -2.68 9.11 1.34
CA VAL B 5 -1.63 8.92 0.34
C VAL B 5 -1.96 9.70 -0.94
N PHE B 6 -3.20 9.57 -1.41
CA PHE B 6 -3.63 10.27 -2.62
C PHE B 6 -3.63 11.79 -2.45
N THR B 7 -4.09 12.27 -1.29
CA THR B 7 -4.09 13.71 -0.97
C THR B 7 -2.68 14.30 -0.92
N THR B 8 -1.74 13.55 -0.36
CA THR B 8 -0.35 13.94 -0.33
C THR B 8 0.20 14.17 -1.75
N TYR B 9 -0.03 13.22 -2.66
CA TYR B 9 0.45 13.38 -4.02
C TYR B 9 -0.28 14.45 -4.83
N LYS B 10 -1.55 14.65 -4.54
CA LYS B 10 -2.30 15.71 -5.20
C LYS B 10 -1.69 17.07 -4.84
N LEU B 11 -1.43 17.28 -3.55
CA LEU B 11 -0.76 18.49 -3.07
C LEU B 11 0.64 18.61 -3.67
N HIS B 13 1.80 17.22 -6.48
CA HIS B 13 1.79 17.43 -7.93
C HIS B 13 1.19 18.77 -8.33
N THR B 14 0.51 19.43 -7.39
CA THR B 14 -0.05 20.79 -7.58
C THR B 14 1.02 21.87 -7.36
N HIS B 15 1.73 21.78 -6.25
CA HIS B 15 2.62 22.83 -5.78
C HIS B 15 4.12 22.72 -6.10
N GLN B 16 4.55 21.55 -6.49
CA GLN B 16 5.94 21.30 -6.73
C GLN B 16 6.32 21.77 -8.19
N THR B 17 6.53 23.05 -8.34
CA THR B 17 6.99 23.67 -9.56
C THR B 17 8.46 23.92 -9.58
N VAL B 18 8.95 24.30 -10.70
CA VAL B 18 10.29 24.86 -10.84
C VAL B 18 10.63 25.97 -9.81
N ASP B 19 9.80 27.00 -9.77
CA ASP B 19 9.95 28.08 -8.79
C ASP B 19 9.97 27.56 -7.36
N PHE B 20 9.09 26.61 -7.07
CA PHE B 20 9.00 25.99 -5.74
C PHE B 20 10.23 25.30 -5.30
N VAL B 21 10.77 24.47 -6.17
CA VAL B 21 12.00 23.77 -5.88
C VAL B 21 13.20 24.69 -5.64
N ARG B 22 13.35 25.73 -6.45
CA ARG B 22 14.41 26.70 -6.35
C ARG B 22 14.24 27.48 -5.05
N SER B 23 13.01 27.75 -4.64
CA SER B 23 12.70 28.42 -3.34
C SER B 23 13.18 27.56 -2.17
N LYS B 24 13.04 26.25 -2.32
CA LYS B 24 13.38 25.29 -1.27
C LYS B 24 14.87 25.06 -1.19
N HIS B 25 15.57 25.08 -2.33
CA HIS B 25 17.01 24.96 -2.32
C HIS B 25 17.62 26.19 -1.65
N ALA B 26 17.02 27.36 -1.92
CA ALA B 26 17.45 28.61 -1.27
C ALA B 26 17.17 28.58 0.22
N GLN B 27 15.98 28.09 0.59
CA GLN B 27 15.62 28.05 1.98
C GLN B 27 16.52 27.16 2.84
N PHE B 28 16.95 26.01 2.31
CA PHE B 28 17.68 25.00 3.11
C PHE B 28 19.19 24.92 2.85
N GLY B 29 19.64 25.63 1.82
CA GLY B 29 21.02 25.54 1.34
C GLY B 29 22.13 26.08 2.24
N GLY B 30 21.75 26.69 3.36
CA GLY B 30 22.73 27.22 4.32
C GLY B 30 23.01 26.26 5.46
N PHE B 31 22.22 25.18 5.55
CA PHE B 31 22.42 24.14 6.56
C PHE B 31 22.55 24.73 7.96
N SER B 32 21.55 25.54 8.30
CA SER B 32 21.55 26.25 9.57
C SER B 32 20.22 26.12 10.27
N TYR B 33 19.42 25.14 9.92
CA TYR B 33 18.19 24.88 10.66
C TYR B 33 18.42 24.26 12.03
N LYS B 34 19.30 23.27 12.10
CA LYS B 34 19.52 22.54 13.36
C LYS B 34 20.94 22.00 13.42
N LYS B 35 21.50 21.95 14.62
CA LYS B 35 22.75 21.24 14.85
C LYS B 35 22.42 19.99 15.66
N THR B 37 23.36 15.39 16.04
CA THR B 37 24.03 14.17 15.61
C THR B 37 23.09 13.30 14.73
N VAL B 38 23.67 12.32 14.06
CA VAL B 38 22.88 11.38 13.32
C VAL B 38 21.82 10.66 14.19
N GLU B 40 20.47 11.57 16.93
CA GLU B 40 19.45 12.58 17.32
C GLU B 40 18.39 12.71 16.22
N ALA B 41 18.83 12.74 14.97
CA ALA B 41 17.95 12.80 13.81
C ALA B 41 17.13 11.53 13.67
N VAL B 42 17.75 10.36 13.82
CA VAL B 42 17.01 9.09 13.88
C VAL B 42 15.88 9.10 14.93
N ASP B 43 16.20 9.53 16.15
CA ASP B 43 15.23 9.54 17.27
C ASP B 43 14.15 10.61 17.12
N LEU B 44 14.50 11.72 16.48
CA LEU B 44 13.56 12.79 16.16
C LEU B 44 12.46 12.25 15.25
N LEU B 45 12.78 11.24 14.44
CA LEU B 45 11.81 10.62 13.56
C LEU B 45 10.98 9.52 14.25
N ASP B 46 11.17 9.34 15.56
CA ASP B 46 10.19 8.67 16.44
C ASP B 46 8.86 9.46 16.34
N GLY B 47 8.99 10.76 16.07
CA GLY B 47 7.83 11.65 16.01
C GLY B 47 7.29 11.90 14.61
N LEU B 48 7.48 10.92 13.71
CA LEU B 48 7.03 11.05 12.32
C LEU B 48 6.41 9.78 11.69
N VAL B 49 5.14 9.90 11.30
CA VAL B 49 4.50 8.89 10.43
C VAL B 49 4.37 9.45 9.00
N ASP B 50 4.94 8.70 8.06
CA ASP B 50 5.04 9.09 6.65
C ASP B 50 3.70 8.88 5.95
N GLU B 51 3.08 10.00 5.58
CA GLU B 51 1.71 10.00 5.06
C GLU B 51 1.59 9.60 3.57
N SER B 52 2.70 9.17 2.96
CA SER B 52 2.69 8.65 1.59
C SER B 52 2.71 7.14 1.61
N PRO B 59 5.97 4.68 13.03
CA PRO B 59 6.97 5.78 13.03
C PRO B 59 8.21 5.42 12.31
N ASN B 60 8.68 6.38 11.50
CA ASN B 60 9.88 6.21 10.64
C ASN B 60 11.22 5.82 11.25
N SER B 61 11.48 6.03 12.52
CA SER B 61 12.75 5.64 13.06
C SER B 61 13.00 4.14 13.09
N PHE B 62 11.95 3.36 13.25
CA PHE B 62 12.04 1.90 13.13
C PHE B 62 12.43 1.46 11.74
N HIS B 63 11.89 2.17 10.75
CA HIS B 63 12.19 1.89 9.37
C HIS B 63 13.69 2.04 9.10
N ALA B 64 14.36 3.02 9.71
CA ALA B 64 15.82 3.22 9.58
C ALA B 64 16.60 1.98 9.98
N PHE B 65 16.32 1.48 11.19
CA PHE B 65 16.92 0.24 11.69
C PHE B 65 16.56 -1.01 10.87
N GLN B 66 15.28 -1.16 10.50
CA GLN B 66 14.87 -2.30 9.69
C GLN B 66 15.58 -2.36 8.33
N THR B 67 15.70 -1.21 7.66
CA THR B 67 16.40 -1.13 6.38
C THR B 67 17.89 -1.44 6.53
N ALA B 68 18.52 -0.81 7.51
CA ALA B 68 19.91 -1.04 7.82
C ALA B 68 20.18 -2.54 8.05
N GLU B 69 19.32 -3.15 8.87
CA GLU B 69 19.44 -4.57 9.26
C GLU B 69 19.16 -5.52 8.10
N GLY B 70 18.25 -5.17 7.21
CA GLY B 70 18.01 -5.96 6.00
C GLY B 70 19.23 -5.97 5.11
N ILE B 71 19.78 -4.79 4.85
CA ILE B 71 21.06 -4.62 4.15
C ILE B 71 22.15 -5.44 4.81
N ARG B 72 22.29 -5.32 6.12
CA ARG B 72 23.37 -6.00 6.84
C ARG B 72 23.33 -7.53 6.68
N LYS B 73 22.13 -8.10 6.68
CA LYS B 73 21.97 -9.55 6.55
C LYS B 73 22.46 -10.01 5.18
N ALA B 74 22.11 -9.25 4.14
CA ALA B 74 22.45 -9.62 2.77
C ALA B 74 23.89 -9.25 2.40
N HIS B 75 24.46 -8.29 3.11
CA HIS B 75 25.76 -7.69 2.78
C HIS B 75 26.57 -7.48 4.06
N PRO B 76 26.91 -8.58 4.77
CA PRO B 76 27.43 -8.46 6.15
C PRO B 76 28.75 -7.72 6.33
N ASP B 77 29.64 -7.77 5.33
CA ASP B 77 31.00 -7.21 5.45
C ASP B 77 31.07 -5.78 4.89
N LYS B 78 29.93 -5.27 4.44
CA LYS B 78 29.83 -3.93 3.84
C LYS B 78 29.18 -2.89 4.79
N ASP B 79 29.92 -2.46 5.81
CA ASP B 79 29.36 -1.64 6.90
C ASP B 79 28.80 -0.31 6.40
N TRP B 80 29.46 0.29 5.40
CA TRP B 80 28.98 1.56 4.81
C TRP B 80 27.53 1.41 4.28
N PHE B 81 27.25 0.24 3.73
CA PHE B 81 25.94 -0.08 3.18
C PHE B 81 24.94 -0.13 4.31
N HIS B 82 25.27 -0.83 5.38
CA HIS B 82 24.36 -0.92 6.54
C HIS B 82 23.95 0.50 6.94
N LEU B 83 24.92 1.38 7.05
CA LEU B 83 24.68 2.79 7.37
C LEU B 83 23.76 3.55 6.40
N VAL B 84 23.94 3.27 5.13
CA VAL B 84 23.02 3.79 4.11
C VAL B 84 21.59 3.56 4.49
N GLY B 85 21.30 2.32 4.91
CA GLY B 85 19.96 1.94 5.38
C GLY B 85 19.42 2.84 6.49
N LEU B 86 20.27 3.08 7.47
CA LEU B 86 19.96 3.92 8.60
C LEU B 86 19.70 5.36 8.19
N LEU B 87 20.48 5.82 7.21
CA LEU B 87 20.57 7.24 6.85
C LEU B 87 19.57 7.70 5.85
N HIS B 88 19.07 6.75 5.10
CA HIS B 88 18.43 7.01 3.83
C HIS B 88 17.17 7.87 3.86
N ASP B 89 16.44 7.78 4.96
CA ASP B 89 15.26 8.57 5.09
C ASP B 89 15.30 9.69 6.13
N LEU B 90 16.48 10.04 6.62
CA LEU B 90 16.65 11.02 7.69
C LEU B 90 16.42 12.46 7.20
N GLY B 91 16.53 12.70 5.90
CA GLY B 91 15.93 13.92 5.32
C GLY B 91 14.46 14.23 5.67
N LYS B 92 13.72 13.24 6.17
CA LYS B 92 12.39 13.49 6.69
C LYS B 92 12.36 14.40 7.94
N VAL B 93 13.54 14.82 8.46
CA VAL B 93 13.58 15.79 9.55
C VAL B 93 13.03 17.15 9.10
N LEU B 94 12.95 17.34 7.79
CA LEU B 94 12.23 18.49 7.22
C LEU B 94 10.81 18.64 7.77
N ALA B 95 10.10 17.52 7.88
CA ALA B 95 8.76 17.54 8.47
C ALA B 95 8.75 18.07 9.92
N LEU B 96 9.82 17.79 10.65
CA LEU B 96 9.98 18.26 12.01
C LEU B 96 10.36 19.76 12.08
N PHE B 97 10.92 20.29 10.99
CA PHE B 97 11.17 21.73 10.86
C PHE B 97 9.91 22.49 10.41
N GLY B 98 8.78 21.80 10.29
CA GLY B 98 7.53 22.46 9.90
C GLY B 98 7.12 22.36 8.44
N GLU B 99 7.87 21.60 7.64
CA GLU B 99 7.58 21.49 6.21
C GLU B 99 6.38 20.56 6.02
N PRO B 100 5.48 20.90 5.07
CA PRO B 100 4.37 19.98 4.81
C PRO B 100 4.88 18.70 4.16
N GLN B 101 4.18 17.59 4.40
CA GLN B 101 4.70 16.30 3.95
C GLN B 101 4.87 16.19 2.45
N TRP B 102 4.03 16.87 1.68
CA TRP B 102 4.14 16.78 0.23
C TRP B 102 5.41 17.43 -0.26
N ALA B 103 6.09 18.12 0.66
CA ALA B 103 7.38 18.75 0.36
C ALA B 103 8.56 18.01 1.04
N VAL B 104 8.33 16.80 1.46
CA VAL B 104 9.28 16.02 2.24
C VAL B 104 9.30 14.51 1.84
N VAL B 105 8.14 13.88 1.83
CA VAL B 105 8.03 12.48 1.52
C VAL B 105 7.46 12.12 0.12
N GLY B 106 7.57 10.85 -0.23
CA GLY B 106 6.97 10.34 -1.45
C GLY B 106 7.88 10.13 -2.64
N ASP B 107 7.35 9.44 -3.65
CA ASP B 107 8.05 9.25 -4.92
C ASP B 107 8.33 10.62 -5.53
N THR B 108 9.49 10.72 -6.18
CA THR B 108 9.95 11.98 -6.73
C THR B 108 9.80 11.94 -8.24
N PHE B 109 9.99 13.09 -8.86
CA PHE B 109 9.82 13.26 -10.30
C PHE B 109 10.55 14.58 -10.71
N PRO B 110 11.02 14.67 -11.97
CA PRO B 110 11.67 15.91 -12.39
C PRO B 110 10.64 17.04 -12.49
N VAL B 111 11.02 18.22 -12.01
CA VAL B 111 10.27 19.44 -12.36
C VAL B 111 10.90 20.07 -13.61
N GLY B 112 10.14 20.92 -14.30
CA GLY B 112 10.62 21.55 -15.53
C GLY B 112 10.40 20.76 -16.82
N CYS B 113 9.68 19.64 -16.73
CA CYS B 113 9.29 18.84 -17.90
C CYS B 113 8.04 18.01 -17.58
N ARG B 114 7.36 17.57 -18.63
CA ARG B 114 6.08 16.88 -18.52
C ARG B 114 6.22 15.63 -17.66
N PRO B 115 5.31 15.42 -16.70
CA PRO B 115 5.30 14.15 -15.97
C PRO B 115 4.98 12.94 -16.84
N GLN B 116 5.75 11.87 -16.63
CA GLN B 116 5.57 10.64 -17.38
C GLN B 116 4.65 9.64 -16.68
N ALA B 117 4.26 8.59 -17.41
CA ALA B 117 3.18 7.67 -17.02
C ALA B 117 3.37 7.02 -15.66
N SER B 118 4.62 6.69 -15.32
CA SER B 118 4.88 5.99 -14.07
C SER B 118 4.92 6.90 -12.83
N VAL B 119 4.77 8.21 -13.04
CA VAL B 119 4.63 9.13 -11.93
C VAL B 119 3.26 8.82 -11.30
N VAL B 120 3.26 8.45 -10.03
CA VAL B 120 2.05 7.93 -9.36
C VAL B 120 0.89 8.92 -9.49
N PHE B 121 -0.30 8.38 -9.77
CA PHE B 121 -1.51 9.18 -10.02
C PHE B 121 -1.34 10.28 -11.07
N CYS B 122 -0.51 10.05 -12.08
CA CYS B 122 -0.22 11.06 -13.11
C CYS B 122 -1.48 11.71 -13.72
N ASP B 123 -2.46 10.88 -14.08
CA ASP B 123 -3.69 11.33 -14.76
C ASP B 123 -4.67 12.02 -13.85
N SER B 124 -4.45 11.89 -12.53
CA SER B 124 -5.42 12.33 -11.53
C SER B 124 -4.98 13.52 -10.70
N THR B 125 -3.77 14.05 -10.89
CA THR B 125 -3.18 14.97 -9.90
C THR B 125 -2.43 16.22 -10.38
N PHE B 126 -2.20 16.36 -11.69
CA PHE B 126 -1.42 17.48 -12.20
C PHE B 126 -2.27 18.63 -12.75
N GLN B 127 -3.60 18.50 -12.60
CA GLN B 127 -4.60 19.40 -13.20
C GLN B 127 -4.36 20.87 -12.86
N ASP B 128 -3.93 21.14 -11.63
CA ASP B 128 -3.76 22.50 -11.14
C ASP B 128 -2.30 22.97 -11.05
N ASN B 129 -1.38 22.22 -11.67
CA ASN B 129 0.03 22.59 -11.72
C ASN B 129 0.29 23.57 -12.86
N PRO B 130 0.63 24.84 -12.53
CA PRO B 130 0.81 25.89 -13.53
C PRO B 130 1.95 25.65 -14.53
N ASP B 131 2.95 24.85 -14.13
CA ASP B 131 4.07 24.57 -15.00
C ASP B 131 3.64 23.78 -16.24
N LEU B 132 2.55 23.03 -16.11
CA LEU B 132 2.05 22.20 -17.21
C LEU B 132 1.33 22.98 -18.32
N GLN B 133 1.09 24.27 -18.10
CA GLN B 133 0.59 25.16 -19.17
C GLN B 133 1.73 25.99 -19.75
N ASP B 134 2.86 26.04 -19.03
CA ASP B 134 4.01 26.84 -19.42
C ASP B 134 4.81 26.12 -20.52
N PRO B 135 4.92 26.73 -21.72
CA PRO B 135 5.59 26.06 -22.86
C PRO B 135 7.06 25.70 -22.60
N ARG B 136 7.67 26.35 -21.61
CA ARG B 136 9.02 26.00 -21.17
C ARG B 136 9.11 24.62 -20.51
N TYR B 137 7.99 24.13 -19.96
CA TYR B 137 8.00 22.95 -19.10
C TYR B 137 6.92 21.92 -19.43
N SER B 138 6.08 22.20 -20.43
CA SER B 138 4.92 21.35 -20.76
C SER B 138 5.27 20.18 -21.70
N THR B 139 6.44 20.30 -22.31
CA THR B 139 6.95 19.33 -23.28
C THR B 139 7.70 18.17 -22.64
N GLU B 140 7.89 17.12 -23.43
CA GLU B 140 8.71 15.96 -23.08
C GLU B 140 10.04 16.31 -22.35
N LEU B 141 10.84 17.17 -22.97
CA LEU B 141 12.15 17.60 -22.44
C LEU B 141 12.06 18.86 -21.58
N GLY B 142 11.00 19.65 -21.77
CA GLY B 142 10.85 20.93 -21.10
C GLY B 142 12.13 21.75 -21.16
N TYR B 144 15.11 20.83 -20.28
CA TYR B 144 16.31 20.00 -20.40
C TYR B 144 16.75 19.73 -21.83
N GLN B 145 18.07 19.59 -21.98
CA GLN B 145 18.67 19.04 -23.19
C GLN B 145 18.74 17.53 -22.99
N PRO B 146 18.75 16.77 -24.12
CA PRO B 146 18.73 15.30 -24.08
C PRO B 146 19.92 14.71 -23.33
N HIS B 147 19.63 13.76 -22.44
CA HIS B 147 20.62 12.85 -21.83
C HIS B 147 21.70 13.53 -21.00
N CYS B 148 21.31 14.60 -20.32
CA CYS B 148 22.29 15.36 -19.56
C CYS B 148 22.70 14.72 -18.23
N GLY B 149 21.95 13.70 -17.80
CA GLY B 149 22.23 12.95 -16.58
C GLY B 149 21.34 13.41 -15.44
N LEU B 150 20.96 12.48 -14.58
CA LEU B 150 20.05 12.82 -13.50
C LEU B 150 20.62 13.79 -12.48
N ASP B 151 21.94 13.87 -12.40
CA ASP B 151 22.53 14.88 -11.51
C ASP B 151 22.37 16.31 -12.03
N ARG B 152 21.98 16.46 -13.29
CA ARG B 152 21.73 17.77 -13.87
C ARG B 152 20.22 18.09 -13.99
N VAL B 153 19.40 17.26 -13.39
CA VAL B 153 17.94 17.41 -13.41
C VAL B 153 17.53 18.08 -12.12
N LEU B 154 16.50 18.91 -12.16
CA LEU B 154 15.94 19.54 -10.98
C LEU B 154 14.79 18.67 -10.52
N SER B 156 11.81 17.16 -7.88
CA SER B 156 10.82 17.56 -6.90
C SER B 156 11.58 17.51 -5.56
N TRP B 157 11.24 18.42 -4.67
CA TRP B 157 12.00 18.63 -3.43
C TRP B 157 11.49 17.72 -2.30
N GLY B 158 12.39 17.10 -1.60
CA GLY B 158 12.06 16.48 -0.34
C GLY B 158 13.27 15.75 0.23
N HIS B 159 13.01 14.70 0.99
CA HIS B 159 13.99 13.92 1.70
C HIS B 159 15.25 13.45 0.95
N ASP B 160 15.12 13.05 -0.30
CA ASP B 160 16.22 12.54 -1.09
C ASP B 160 17.22 13.62 -1.33
N GLU B 161 16.80 14.67 -2.04
CA GLU B 161 17.75 15.76 -2.36
C GLU B 161 18.27 16.47 -1.09
N TYR B 162 17.43 16.68 -0.11
CA TYR B 162 17.83 17.35 1.15
C TYR B 162 18.91 16.50 1.86
N TYR B 164 20.88 14.09 0.60
CA TYR B 164 22.07 14.20 -0.23
C TYR B 164 22.90 15.48 0.05
N GLN B 165 22.22 16.63 0.11
CA GLN B 165 22.85 17.92 0.40
C GLN B 165 23.47 17.97 1.82
N VAL B 166 22.77 17.40 2.81
CA VAL B 166 23.29 17.39 4.18
C VAL B 166 24.60 16.60 4.22
N LYS B 168 26.74 15.89 1.70
CA LYS B 168 27.80 16.64 1.00
C LYS B 168 28.40 17.76 1.84
N PHE B 169 27.53 18.57 2.41
CA PHE B 169 27.94 19.66 3.26
C PHE B 169 28.77 19.20 4.46
N ASN B 170 28.36 18.10 5.09
CA ASN B 170 29.02 17.59 6.29
C ASN B 170 30.13 16.62 5.97
N LYS B 171 30.37 16.41 4.68
CA LYS B 171 31.46 15.58 4.19
C LYS B 171 31.44 14.16 4.77
N PHE B 172 30.29 13.52 4.71
CA PHE B 172 30.17 12.12 5.09
C PHE B 172 31.22 11.33 4.31
N SER B 173 31.92 10.43 4.97
CA SER B 173 32.97 9.71 4.27
C SER B 173 32.42 8.39 3.68
N LEU B 174 31.42 8.52 2.83
CA LEU B 174 30.81 7.37 2.17
C LEU B 174 31.21 7.31 0.72
N PRO B 175 31.13 6.12 0.10
CA PRO B 175 31.47 5.99 -1.31
C PRO B 175 30.43 6.70 -2.19
N PRO B 176 30.81 7.07 -3.42
CA PRO B 176 29.88 7.78 -4.30
C PRO B 176 28.51 7.08 -4.50
N GLU B 177 28.50 5.74 -4.58
CA GLU B 177 27.25 4.97 -4.72
C GLU B 177 26.32 5.19 -3.56
N ALA B 178 26.86 5.33 -2.34
CA ALA B 178 26.02 5.62 -1.15
C ALA B 178 25.27 6.93 -1.30
N PHE B 179 25.98 7.98 -1.67
CA PHE B 179 25.38 9.29 -1.94
C PHE B 179 24.24 9.21 -3.00
N TYR B 180 24.51 8.49 -4.08
CA TYR B 180 23.60 8.40 -5.20
C TYR B 180 22.33 7.65 -4.85
N ILE B 182 20.98 7.27 -2.01
CA ILE B 182 20.12 8.15 -1.22
C ILE B 182 19.50 9.28 -2.01
N ARG B 183 20.27 9.83 -2.90
CA ARG B 183 19.75 10.89 -3.68
C ARG B 183 18.52 10.58 -4.60
N PHE B 184 18.50 9.36 -5.12
CA PHE B 184 17.57 9.03 -6.17
C PHE B 184 16.72 7.84 -5.77
N HIS B 185 16.82 7.50 -4.49
CA HIS B 185 16.09 6.31 -4.02
C HIS B 185 14.53 6.37 -4.16
N SER B 186 13.92 7.54 -4.12
CA SER B 186 12.45 7.67 -4.30
C SER B 186 12.07 7.95 -5.74
N PHE B 187 13.04 8.01 -6.63
CA PHE B 187 12.78 8.28 -8.03
C PHE B 187 12.26 7.05 -8.78
N TYR B 188 11.10 6.60 -8.32
CA TYR B 188 10.43 5.37 -8.79
C TYR B 188 10.14 5.36 -10.32
N PRO B 189 9.70 6.52 -10.90
CA PRO B 189 9.55 6.57 -12.38
C PRO B 189 10.77 6.12 -13.15
N TRP B 190 11.94 6.46 -12.63
CA TRP B 190 13.16 6.03 -13.26
C TRP B 190 13.55 4.60 -12.84
N HIS B 191 13.88 4.36 -11.58
CA HIS B 191 14.45 3.03 -11.23
C HIS B 191 13.48 1.85 -11.40
N THR B 192 12.17 2.11 -11.36
CA THR B 192 11.17 1.04 -11.50
C THR B 192 10.30 1.19 -12.74
N GLY B 193 9.75 2.37 -12.98
CA GLY B 193 8.96 2.62 -14.20
C GLY B 193 9.76 2.55 -15.50
N ARG B 194 11.07 2.83 -15.40
CA ARG B 194 12.01 2.86 -16.55
C ARG B 194 11.74 4.00 -17.52
N ASP B 195 11.12 5.04 -16.99
CA ASP B 195 10.81 6.25 -17.71
C ASP B 195 11.98 7.23 -17.59
N TYR B 196 11.80 8.42 -18.16
CA TYR B 196 12.80 9.49 -18.11
C TYR B 196 14.10 9.13 -18.79
N GLN B 197 13.99 8.29 -19.81
CA GLN B 197 15.12 7.86 -20.61
C GLN B 197 15.71 9.04 -21.40
N GLN B 198 14.91 10.09 -21.60
CA GLN B 198 15.40 11.30 -22.28
C GLN B 198 16.37 12.11 -21.42
N LEU B 199 16.41 11.82 -20.11
CA LEU B 199 17.20 12.63 -19.17
C LEU B 199 18.43 11.93 -18.61
N CYS B 200 18.39 10.61 -18.53
CA CYS B 200 19.47 9.89 -17.89
C CYS B 200 20.66 9.74 -18.85
N SER B 201 21.83 9.43 -18.30
CA SER B 201 23.06 9.30 -19.03
C SER B 201 23.72 7.98 -18.62
N GLN B 202 24.91 7.76 -19.17
CA GLN B 202 25.67 6.55 -18.92
C GLN B 202 26.03 6.40 -17.44
N GLN B 203 26.19 7.54 -16.75
CA GLN B 203 26.53 7.56 -15.33
C GLN B 203 25.38 7.01 -14.50
N ASP B 204 24.17 7.35 -14.91
CA ASP B 204 22.95 6.82 -14.30
C ASP B 204 22.80 5.36 -14.61
N LEU B 205 23.13 4.94 -15.83
CA LEU B 205 23.09 3.53 -16.17
C LEU B 205 23.95 2.69 -15.17
N ALA B 206 25.12 3.18 -14.86
CA ALA B 206 26.04 2.50 -13.94
C ALA B 206 25.51 2.43 -12.52
N LEU B 208 22.11 2.46 -11.67
CA LEU B 208 20.85 1.72 -11.62
C LEU B 208 20.90 0.38 -10.82
N PRO B 209 21.91 -0.47 -11.06
CA PRO B 209 21.91 -1.72 -10.26
C PRO B 209 22.10 -1.49 -8.76
N TRP B 210 22.85 -0.44 -8.40
CA TRP B 210 23.01 -0.01 -6.99
C TRP B 210 21.68 0.41 -6.38
N VAL B 211 20.93 1.22 -7.06
CA VAL B 211 19.64 1.71 -6.58
C VAL B 211 18.65 0.58 -6.51
N ARG B 212 18.66 -0.28 -7.49
CA ARG B 212 17.75 -1.41 -7.47
C ARG B 212 18.06 -2.33 -6.30
N GLU B 213 19.33 -2.55 -6.01
CA GLU B 213 19.72 -3.36 -4.85
C GLU B 213 19.24 -2.72 -3.55
N PHE B 214 19.47 -1.44 -3.35
CA PHE B 214 19.05 -0.76 -2.16
C PHE B 214 17.55 -0.89 -2.02
N ASN B 215 16.83 -0.61 -3.09
N ASN B 215 16.84 -0.61 -3.08
CA ASN B 215 15.35 -0.57 -3.07
CA ASN B 215 15.37 -0.60 -3.05
C ASN B 215 14.71 -1.88 -2.61
C ASN B 215 14.78 -1.87 -2.48
N LYS B 216 15.44 -2.99 -2.75
CA LYS B 216 15.01 -4.29 -2.24
C LYS B 216 14.81 -4.26 -0.72
N PHE B 217 15.62 -3.47 -0.03
CA PHE B 217 15.62 -3.45 1.45
C PHE B 217 14.76 -2.33 2.02
N ASP B 218 14.37 -1.38 1.17
CA ASP B 218 13.68 -0.18 1.64
C ASP B 218 12.20 -0.48 1.82
N LEU B 219 11.83 -0.91 3.01
CA LEU B 219 10.52 -1.56 3.24
C LEU B 219 9.74 -1.04 4.47
N VAL B 229 15.64 -1.22 17.68
CA VAL B 229 15.88 -1.60 19.02
C VAL B 229 17.15 -1.04 19.67
N ASP B 230 17.10 -0.93 20.98
CA ASP B 230 18.21 -0.43 21.79
C ASP B 230 19.47 -1.28 21.66
N LYS B 231 19.28 -2.58 21.39
CA LYS B 231 20.39 -3.53 21.20
C LYS B 231 21.22 -3.24 19.96
N LEU B 232 20.59 -2.65 18.96
CA LEU B 232 21.22 -2.27 17.70
C LEU B 232 22.00 -0.96 17.80
N ARG B 233 21.61 -0.11 18.75
CA ARG B 233 22.16 1.24 18.82
C ARG B 233 23.68 1.29 18.97
N PRO B 234 24.26 0.46 19.86
CA PRO B 234 25.75 0.47 19.91
C PRO B 234 26.40 0.24 18.55
N TYR B 235 25.93 -0.74 17.79
CA TYR B 235 26.55 -1.03 16.49
C TYR B 235 26.46 0.19 15.53
N TYR B 236 25.27 0.77 15.38
CA TYR B 236 25.08 1.92 14.48
C TYR B 236 25.78 3.18 14.95
N GLN B 237 25.84 3.41 16.26
CA GLN B 237 26.71 4.47 16.80
C GLN B 237 28.17 4.34 16.37
N GLY B 238 28.69 3.12 16.33
CA GLY B 238 30.06 2.92 15.86
C GLY B 238 30.25 3.25 14.38
N LEU B 239 29.27 2.94 13.55
CA LEU B 239 29.31 3.25 12.10
C LEU B 239 29.22 4.77 11.90
N ILE B 240 28.34 5.40 12.67
CA ILE B 240 28.25 6.88 12.69
C ILE B 240 29.59 7.54 13.06
N ASP B 241 30.26 6.99 14.06
CA ASP B 241 31.53 7.50 14.53
C ASP B 241 32.56 7.40 13.39
N LYS B 242 32.47 6.32 12.63
CA LYS B 242 33.40 6.02 11.55
C LYS B 242 33.21 6.95 10.34
N TYR B 243 31.97 7.14 9.93
CA TYR B 243 31.66 7.76 8.65
C TYR B 243 31.09 9.17 8.72
N CYS B 244 30.54 9.55 9.86
CA CYS B 244 29.83 10.85 9.98
C CYS B 244 29.69 11.27 11.45
N PRO B 245 30.84 11.42 12.15
CA PRO B 245 30.71 11.60 13.60
C PRO B 245 30.30 12.99 14.07
N GLY B 246 29.76 13.04 15.29
CA GLY B 246 29.56 14.29 15.99
C GLY B 246 28.35 15.08 15.59
N ILE B 247 28.31 16.32 16.05
CA ILE B 247 27.21 17.20 15.72
C ILE B 247 27.38 17.65 14.28
N LEU B 248 26.30 17.57 13.52
CA LEU B 248 26.31 17.94 12.12
C LEU B 248 25.33 19.09 11.90
N SER B 249 25.49 19.75 10.75
CA SER B 249 24.67 20.89 10.36
C SER B 249 23.55 20.45 9.37
N TRP B 250 22.32 20.80 9.73
CA TRP B 250 21.18 20.44 8.93
C TRP B 250 20.42 21.67 8.47
#